data_3KMS
#
_entry.id   3KMS
#
_cell.length_a   93.951
_cell.length_b   93.951
_cell.length_c   99.997
_cell.angle_alpha   90.00
_cell.angle_beta   90.00
_cell.angle_gamma   120.00
#
_symmetry.space_group_name_H-M   'P 32 2 1'
#
loop_
_entity.id
_entity.type
_entity.pdbx_description
1 polymer '3D polymerase'
2 polymer "RNA (5'-R(*AP*UP*GP*GP*GP*CP*C)-3')"
3 polymer "RNA (5'-R(*GP*GP*CP*CP*C)-3')"
4 non-polymer 'MAGNESIUM ION'
5 water water
#
loop_
_entity_poly.entity_id
_entity_poly.type
_entity_poly.pdbx_seq_one_letter_code
_entity_poly.pdbx_strand_id
1 'polypeptide(L)'
;GLIVDTRDVEERVHVMRKTKLAPTVAHGVFNPEFGPAALSNKDPRLNEGVVLDEVIFSKHKSDTKMSAEDKALFRRCAAD
YASRLHSVLGTANAPLSIYEAIKGVDGLDAMEPDTAPGLPWALQGKRRGALIDFENGTVGPEVEAALKLMEKREYKFACQ
TFLKDEIRPMEKVRAGKTRIVDVLPVEHILYTRMMIGRFCAQMHSNNGPQIGSAVGCNPDVDWQRFGTHFAQYRNVWDVD
YSAFDANHCSDAMNIMFEEVFRTEFGFHPNAEWILKTLVNTEHAYENKRITVEGGMPSGCSATSIINTILNNIYVLYALR
RHYEGVELDTYTMISYGDDIVVASDYDLDFEALKPHFKSLGQTITPADKSDKGFVLGHSITDVTFLKRHFHMDYGTGFYK
PVMASKTLEAILSFARRGTIQEKLISVAGLAVHSGPDEYRRLFEPFQGLFEIPSYRSLYLRWVNAVCGDAAALEHH
;
A
2 'polyribonucleotide' AUGGGCC B
3 'polyribonucleotide' GGCCC C
#
loop_
_chem_comp.id
_chem_comp.type
_chem_comp.name
_chem_comp.formula
A RNA linking ADENOSINE-5'-MONOPHOSPHATE 'C10 H14 N5 O7 P'
C RNA linking CYTIDINE-5'-MONOPHOSPHATE 'C9 H14 N3 O8 P'
G RNA linking GUANOSINE-5'-MONOPHOSPHATE 'C10 H14 N5 O8 P'
MG non-polymer 'MAGNESIUM ION' 'Mg 2'
U RNA linking URIDINE-5'-MONOPHOSPHATE 'C9 H13 N2 O9 P'
#
# COMPACT_ATOMS: atom_id res chain seq x y z
N GLY A 1 -0.41 14.38 9.00
CA GLY A 1 -1.20 14.97 10.11
C GLY A 1 -0.58 16.23 10.66
N LEU A 2 -0.96 16.59 11.89
CA LEU A 2 -0.44 17.78 12.54
C LEU A 2 0.57 17.41 13.62
N ILE A 3 1.78 17.94 13.49
CA ILE A 3 2.81 17.80 14.53
C ILE A 3 2.46 18.76 15.66
N VAL A 4 2.17 18.19 16.83
CA VAL A 4 1.78 18.98 18.00
C VAL A 4 2.93 19.20 18.97
N ASP A 5 3.84 18.22 19.05
CA ASP A 5 4.96 18.28 19.98
C ASP A 5 6.21 17.61 19.41
N THR A 6 7.34 18.29 19.56
CA THR A 6 8.64 17.74 19.18
C THR A 6 9.59 17.87 20.37
N ARG A 7 9.87 16.73 21.00
CA ARG A 7 10.71 16.70 22.20
C ARG A 7 12.05 16.00 21.94
N ASP A 8 13.13 16.60 22.45
CA ASP A 8 14.46 16.02 22.34
C ASP A 8 14.80 15.20 23.58
N VAL A 9 15.18 13.95 23.36
CA VAL A 9 15.57 13.04 24.44
C VAL A 9 16.99 12.51 24.24
N GLU A 10 17.54 11.90 25.30
CA GLU A 10 18.91 11.38 25.30
C GLU A 10 19.12 10.21 24.33
N GLU A 11 18.17 9.27 24.32
CA GLU A 11 18.28 8.05 23.54
C GLU A 11 18.20 8.32 22.03
N ARG A 12 19.23 7.89 21.30
CA ARG A 12 19.27 8.04 19.85
C ARG A 12 18.92 6.72 19.17
N VAL A 13 17.85 6.75 18.36
CA VAL A 13 17.42 5.59 17.58
C VAL A 13 18.09 5.64 16.19
N HIS A 14 19.05 4.75 15.97
CA HIS A 14 19.81 4.70 14.72
C HIS A 14 18.93 4.38 13.52
N VAL A 15 19.01 5.23 12.49
CA VAL A 15 18.14 5.12 11.32
C VAL A 15 18.89 5.28 9.98
N MET A 16 19.91 6.13 9.96
CA MET A 16 20.53 6.59 8.71
C MET A 16 20.92 5.44 7.76
N ARG A 17 21.96 4.70 8.13
CA ARG A 17 22.46 3.54 7.36
C ARG A 17 23.02 3.91 5.98
N LYS A 18 23.72 2.95 5.38
CA LYS A 18 24.17 3.04 4.00
C LYS A 18 23.22 2.20 3.15
N THR A 19 23.07 2.56 1.87
CA THR A 19 22.22 1.80 0.97
C THR A 19 22.79 0.41 0.70
N LYS A 20 21.90 -0.60 0.73
CA LYS A 20 22.29 -1.98 0.47
C LYS A 20 22.08 -2.35 -1.00
N LEU A 21 21.64 -1.38 -1.79
CA LEU A 21 21.42 -1.57 -3.22
C LEU A 21 22.66 -1.16 -4.01
N ALA A 22 23.28 -2.15 -4.65
CA ALA A 22 24.49 -1.92 -5.44
C ALA A 22 24.17 -1.96 -6.93
N PRO A 23 24.88 -1.15 -7.74
CA PRO A 23 24.67 -1.13 -9.19
C PRO A 23 25.06 -2.45 -9.86
N THR A 24 24.22 -2.93 -10.77
CA THR A 24 24.49 -4.14 -11.53
C THR A 24 25.14 -3.80 -12.88
N VAL A 25 25.44 -4.84 -13.66
CA VAL A 25 26.01 -4.69 -15.01
C VAL A 25 25.07 -3.91 -15.95
N ALA A 26 23.78 -3.93 -15.66
CA ALA A 26 22.77 -3.24 -16.46
C ALA A 26 22.81 -1.72 -16.29
N HIS A 27 23.28 -1.26 -15.13
CA HIS A 27 23.32 0.17 -14.81
C HIS A 27 24.14 0.97 -15.82
N GLY A 28 25.31 0.44 -16.19
CA GLY A 28 26.20 1.08 -17.16
C GLY A 28 25.69 1.03 -18.59
N VAL A 29 24.65 0.22 -18.81
CA VAL A 29 24.06 0.05 -20.14
C VAL A 29 22.81 0.92 -20.30
N PHE A 30 21.94 0.91 -19.29
CA PHE A 30 20.67 1.64 -19.35
C PHE A 30 20.79 3.08 -18.83
N ASN A 31 21.72 3.31 -17.90
CA ASN A 31 21.91 4.62 -17.26
C ASN A 31 20.59 5.30 -16.85
N PRO A 32 19.84 4.68 -15.92
CA PRO A 32 18.49 5.17 -15.59
C PRO A 32 18.49 6.46 -14.78
N GLU A 33 17.44 7.25 -14.95
CA GLU A 33 17.23 8.45 -14.14
C GLU A 33 16.65 8.05 -12.77
N PHE A 34 17.27 7.02 -12.19
CA PHE A 34 16.83 6.44 -10.92
C PHE A 34 18.05 6.10 -10.08
N GLY A 35 17.86 6.06 -8.76
CA GLY A 35 18.92 5.70 -7.83
C GLY A 35 18.40 5.48 -6.43
N PRO A 36 19.23 4.89 -5.55
CA PRO A 36 18.86 4.66 -4.15
C PRO A 36 18.54 5.97 -3.44
N ALA A 37 17.47 5.97 -2.64
CA ALA A 37 17.07 7.14 -1.87
C ALA A 37 18.17 7.55 -0.89
N ALA A 38 18.27 8.86 -0.65
CA ALA A 38 19.27 9.39 0.27
C ALA A 38 18.99 8.97 1.71
N LEU A 39 19.93 8.24 2.31
CA LEU A 39 19.77 7.72 3.66
C LEU A 39 20.62 8.50 4.67
N SER A 40 21.62 9.22 4.19
CA SER A 40 22.46 10.05 5.04
C SER A 40 22.30 11.53 4.71
N ASN A 41 22.50 12.37 5.72
CA ASN A 41 22.48 13.83 5.55
C ASN A 41 23.70 14.30 4.76
N LYS A 42 24.79 13.52 4.86
CA LYS A 42 26.05 13.84 4.20
C LYS A 42 26.20 13.14 2.84
N ASP A 43 25.09 12.66 2.29
CA ASP A 43 25.07 12.04 0.97
C ASP A 43 25.37 13.09 -0.09
N PRO A 44 26.47 12.90 -0.86
CA PRO A 44 26.94 13.90 -1.84
C PRO A 44 25.99 14.14 -3.00
N ARG A 45 25.06 13.20 -3.22
CA ARG A 45 24.08 13.32 -4.30
C ARG A 45 22.99 14.35 -4.00
N LEU A 46 22.80 14.65 -2.72
CA LEU A 46 21.79 15.61 -2.28
C LEU A 46 22.07 17.02 -2.77
N ASN A 47 21.00 17.77 -3.04
CA ASN A 47 21.10 19.18 -3.38
C ASN A 47 21.61 20.00 -2.21
N GLU A 48 22.32 21.09 -2.53
CA GLU A 48 22.90 21.99 -1.51
C GLU A 48 21.81 22.59 -0.62
N GLY A 49 22.08 22.60 0.68
CA GLY A 49 21.18 23.22 1.66
C GLY A 49 19.92 22.44 1.95
N VAL A 50 19.93 21.14 1.61
CA VAL A 50 18.79 20.28 1.89
C VAL A 50 19.04 19.47 3.17
N VAL A 51 18.22 19.74 4.18
CA VAL A 51 18.26 19.00 5.43
C VAL A 51 17.27 17.85 5.34
N LEU A 52 17.80 16.63 5.28
CA LEU A 52 16.99 15.42 5.07
C LEU A 52 15.93 15.21 6.15
N ASP A 53 16.26 15.56 7.39
CA ASP A 53 15.35 15.40 8.53
C ASP A 53 14.08 16.25 8.40
N GLU A 54 14.20 17.44 7.83
CA GLU A 54 13.07 18.37 7.68
C GLU A 54 12.12 17.97 6.54
N VAL A 55 12.69 17.41 5.46
CA VAL A 55 11.91 17.01 4.28
C VAL A 55 11.03 15.78 4.58
N ILE A 56 11.57 14.86 5.37
CA ILE A 56 10.86 13.64 5.79
C ILE A 56 9.53 13.96 6.48
N PHE A 57 9.56 14.91 7.41
CA PHE A 57 8.39 15.24 8.22
C PHE A 57 7.60 16.43 7.66
N SER A 58 7.98 16.89 6.47
CA SER A 58 7.29 18.00 5.80
C SER A 58 5.92 17.57 5.28
N LYS A 59 5.72 16.26 5.13
CA LYS A 59 4.43 15.70 4.74
C LYS A 59 3.35 15.95 5.79
N HIS A 60 3.77 16.09 7.05
CA HIS A 60 2.88 16.44 8.15
C HIS A 60 2.64 17.94 8.15
N LYS A 61 1.60 18.37 7.43
CA LYS A 61 1.29 19.79 7.31
C LYS A 61 0.13 20.24 8.19
N SER A 62 -0.95 19.45 8.21
CA SER A 62 -2.16 19.79 8.98
C SER A 62 -3.03 18.56 9.25
N ASP A 63 -3.85 18.64 10.28
CA ASP A 63 -4.91 17.66 10.54
C ASP A 63 -6.25 18.34 10.27
N THR A 64 -6.79 18.12 9.06
CA THR A 64 -8.00 18.79 8.61
C THR A 64 -9.21 18.47 9.48
N LYS A 65 -9.85 19.52 10.00
CA LYS A 65 -11.02 19.36 10.85
C LYS A 65 -12.30 19.49 10.03
N MET A 66 -13.21 18.55 10.22
CA MET A 66 -14.46 18.51 9.46
C MET A 66 -15.62 19.08 10.27
N SER A 67 -16.57 19.70 9.59
CA SER A 67 -17.79 20.18 10.22
C SER A 67 -18.70 19.01 10.61
N ALA A 68 -19.65 19.30 11.50
CA ALA A 68 -20.62 18.31 11.96
C ALA A 68 -21.41 17.72 10.80
N GLU A 69 -21.73 18.56 9.83
CA GLU A 69 -22.50 18.14 8.64
C GLU A 69 -21.68 17.26 7.69
N ASP A 70 -20.40 17.60 7.52
CA ASP A 70 -19.49 16.78 6.70
C ASP A 70 -19.16 15.45 7.36
N LYS A 71 -19.04 15.46 8.69
CA LYS A 71 -18.85 14.25 9.48
C LYS A 71 -20.07 13.34 9.43
N ALA A 72 -21.26 13.95 9.44
CA ALA A 72 -22.53 13.22 9.31
C ALA A 72 -22.65 12.56 7.94
N LEU A 73 -22.25 13.29 6.89
CA LEU A 73 -22.19 12.75 5.53
C LEU A 73 -21.17 11.62 5.43
N PHE A 74 -19.98 11.85 5.99
CA PHE A 74 -18.91 10.84 5.97
C PHE A 74 -19.33 9.57 6.69
N ARG A 75 -20.06 9.73 7.80
CA ARG A 75 -20.58 8.59 8.56
C ARG A 75 -21.54 7.75 7.73
N ARG A 76 -22.42 8.42 7.00
CA ARG A 76 -23.36 7.76 6.09
C ARG A 76 -22.66 6.98 4.98
N CYS A 77 -21.59 7.57 4.43
CA CYS A 77 -20.80 6.93 3.39
C CYS A 77 -20.03 5.72 3.92
N ALA A 78 -19.44 5.87 5.11
CA ALA A 78 -18.72 4.79 5.77
C ALA A 78 -19.65 3.62 6.08
N ALA A 79 -20.84 3.93 6.59
CA ALA A 79 -21.85 2.91 6.89
C ALA A 79 -22.38 2.23 5.63
N ASP A 80 -22.56 3.01 4.56
CA ASP A 80 -23.00 2.47 3.26
C ASP A 80 -21.96 1.55 2.63
N TYR A 81 -20.70 1.95 2.68
CA TYR A 81 -19.62 1.09 2.22
C TYR A 81 -19.46 -0.12 3.14
N ALA A 82 -19.62 0.12 4.43
CA ALA A 82 -19.55 -0.94 5.45
C ALA A 82 -20.72 -1.92 5.31
N SER A 83 -21.82 -1.49 4.72
CA SER A 83 -22.93 -2.39 4.43
C SER A 83 -22.57 -3.32 3.28
N ARG A 84 -22.06 -2.75 2.19
CA ARG A 84 -21.62 -3.50 1.01
C ARG A 84 -20.52 -4.52 1.35
N LEU A 85 -19.50 -4.06 2.07
CA LEU A 85 -18.33 -4.87 2.39
C LEU A 85 -18.70 -6.16 3.15
N HIS A 86 -19.43 -6.01 4.26
CA HIS A 86 -19.80 -7.14 5.12
C HIS A 86 -20.90 -8.03 4.52
N SER A 87 -21.66 -7.49 3.58
CA SER A 87 -22.62 -8.29 2.81
C SER A 87 -21.89 -9.31 1.95
N VAL A 88 -20.80 -8.88 1.32
CA VAL A 88 -19.99 -9.73 0.47
C VAL A 88 -19.16 -10.71 1.32
N LEU A 89 -18.53 -10.19 2.37
CA LEU A 89 -17.57 -10.97 3.16
C LEU A 89 -18.21 -11.86 4.23
N GLY A 90 -19.38 -11.45 4.74
CA GLY A 90 -20.02 -12.14 5.86
C GLY A 90 -19.65 -11.47 7.17
N THR A 91 -20.12 -12.02 8.28
CA THR A 91 -19.88 -11.41 9.60
C THR A 91 -19.12 -12.31 10.58
N ALA A 92 -18.44 -13.33 10.06
CA ALA A 92 -17.61 -14.21 10.88
C ALA A 92 -16.28 -13.51 11.18
N ASN A 93 -16.31 -12.58 12.13
CA ASN A 93 -15.17 -11.70 12.39
C ASN A 93 -14.62 -11.73 13.82
N ALA A 94 -14.88 -12.84 14.52
CA ALA A 94 -14.37 -13.06 15.87
C ALA A 94 -12.84 -13.07 15.89
N PRO A 95 -12.23 -12.67 17.03
CA PRO A 95 -10.78 -12.73 17.19
C PRO A 95 -10.12 -14.03 16.69
N LEU A 96 -8.99 -13.86 16.00
CA LEU A 96 -8.11 -14.98 15.71
C LEU A 96 -7.40 -15.40 17.00
N SER A 97 -7.06 -16.68 17.11
CA SER A 97 -6.21 -17.16 18.19
C SER A 97 -4.79 -16.66 17.95
N ILE A 98 -3.98 -16.68 19.00
CA ILE A 98 -2.58 -16.26 18.92
C ILE A 98 -1.84 -17.08 17.85
N TYR A 99 -2.07 -18.40 17.85
CA TYR A 99 -1.53 -19.32 16.85
C TYR A 99 -1.88 -18.89 15.41
N GLU A 100 -3.15 -18.59 15.18
CA GLU A 100 -3.64 -18.22 13.86
C GLU A 100 -3.10 -16.85 13.40
N ALA A 101 -2.94 -15.94 14.35
CA ALA A 101 -2.44 -14.59 14.07
C ALA A 101 -0.95 -14.61 13.68
N ILE A 102 -0.21 -15.59 14.19
CA ILE A 102 1.21 -15.73 13.89
C ILE A 102 1.42 -16.54 12.60
N LYS A 103 0.76 -17.69 12.53
CA LYS A 103 0.95 -18.64 11.41
C LYS A 103 0.13 -18.28 10.18
N GLY A 104 -0.87 -17.43 10.36
CA GLY A 104 -1.77 -17.04 9.27
C GLY A 104 -2.88 -18.04 9.06
N VAL A 105 -3.83 -17.67 8.20
CA VAL A 105 -4.93 -18.55 7.79
C VAL A 105 -5.05 -18.55 6.27
N ASP A 106 -6.07 -19.22 5.75
CA ASP A 106 -6.37 -19.18 4.32
C ASP A 106 -6.76 -17.76 3.92
N GLY A 107 -5.88 -17.10 3.16
CA GLY A 107 -6.10 -15.72 2.73
C GLY A 107 -5.22 -14.70 3.45
N LEU A 108 -4.59 -15.13 4.53
CA LEU A 108 -3.70 -14.28 5.31
C LEU A 108 -2.40 -15.01 5.58
N ASP A 109 -1.31 -14.53 4.99
CA ASP A 109 -0.02 -15.19 5.18
C ASP A 109 0.58 -14.90 6.55
N ALA A 110 1.55 -15.73 6.95
CA ALA A 110 2.15 -15.67 8.28
C ALA A 110 2.93 -14.40 8.52
N MET A 111 3.09 -14.04 9.80
CA MET A 111 3.97 -12.96 10.21
C MET A 111 5.42 -13.30 9.89
N GLU A 112 6.18 -12.31 9.42
CA GLU A 112 7.59 -12.51 9.12
C GLU A 112 8.37 -12.73 10.41
N PRO A 113 9.08 -13.87 10.51
CA PRO A 113 9.75 -14.28 11.74
C PRO A 113 10.95 -13.42 12.13
N ASP A 114 11.59 -12.78 11.15
CA ASP A 114 12.82 -12.02 11.42
C ASP A 114 12.82 -10.61 10.81
N THR A 115 11.71 -9.89 10.98
CA THR A 115 11.65 -8.46 10.65
C THR A 115 11.86 -7.61 11.91
N ALA A 116 11.81 -6.28 11.76
CA ALA A 116 12.03 -5.37 12.88
C ALA A 116 10.96 -5.51 13.97
N PRO A 117 11.39 -5.64 15.24
CA PRO A 117 10.46 -5.83 16.35
C PRO A 117 9.75 -4.55 16.81
N GLY A 118 10.35 -3.39 16.56
CA GLY A 118 9.81 -2.12 17.02
C GLY A 118 10.31 -1.69 18.38
N LEU A 119 9.63 -0.73 18.99
CA LEU A 119 10.02 -0.16 20.29
C LEU A 119 9.13 -0.69 21.42
N PRO A 120 9.70 -0.80 22.65
CA PRO A 120 11.07 -0.47 23.03
C PRO A 120 12.06 -1.62 22.86
N TRP A 121 11.65 -2.67 22.15
CA TRP A 121 12.46 -3.87 21.95
C TRP A 121 13.77 -3.60 21.19
N ALA A 122 13.75 -2.59 20.33
CA ALA A 122 14.92 -2.19 19.56
C ALA A 122 16.01 -1.56 20.43
N LEU A 123 15.61 -0.99 21.56
CA LEU A 123 16.52 -0.34 22.51
C LEU A 123 17.08 -1.32 23.54
N GLN A 124 16.63 -2.57 23.47
CA GLN A 124 17.01 -3.60 24.43
C GLN A 124 17.73 -4.77 23.74
N GLY A 125 17.98 -4.63 22.44
CA GLY A 125 18.51 -5.72 21.62
C GLY A 125 17.37 -6.49 20.99
N LYS A 126 17.10 -7.68 21.54
CA LYS A 126 15.93 -8.52 21.22
C LYS A 126 15.31 -8.43 19.83
N ARG A 127 15.45 -9.51 19.07
CA ARG A 127 14.79 -9.66 17.76
C ARG A 127 13.37 -10.21 17.94
N ARG A 128 12.67 -10.42 16.83
CA ARG A 128 11.32 -10.98 16.85
C ARG A 128 11.27 -12.42 17.36
N GLY A 129 12.31 -13.19 17.06
CA GLY A 129 12.40 -14.60 17.48
C GLY A 129 12.59 -14.81 18.97
N ALA A 130 13.10 -13.79 19.66
CA ALA A 130 13.28 -13.85 21.11
C ALA A 130 11.97 -13.56 21.84
N LEU A 131 11.12 -12.74 21.23
CA LEU A 131 9.83 -12.36 21.82
C LEU A 131 8.72 -13.35 21.48
N ILE A 132 8.80 -13.93 20.28
CA ILE A 132 7.73 -14.79 19.76
C ILE A 132 8.29 -16.06 19.12
N ASP A 133 7.68 -17.20 19.44
CA ASP A 133 7.97 -18.45 18.76
C ASP A 133 7.08 -18.55 17.51
N PHE A 134 7.71 -18.39 16.34
CA PHE A 134 6.99 -18.35 15.07
C PHE A 134 6.67 -19.73 14.50
N GLU A 135 7.48 -20.73 14.86
CA GLU A 135 7.26 -22.11 14.42
C GLU A 135 6.06 -22.73 15.14
N ASN A 136 6.02 -22.57 16.47
CA ASN A 136 4.98 -23.15 17.31
C ASN A 136 3.73 -22.27 17.46
N GLY A 137 3.85 -21.00 17.09
CA GLY A 137 2.76 -20.04 17.19
C GLY A 137 2.43 -19.64 18.62
N THR A 138 3.46 -19.37 19.41
CA THR A 138 3.32 -19.00 20.82
C THR A 138 4.11 -17.74 21.17
N VAL A 139 3.66 -17.05 22.22
CA VAL A 139 4.31 -15.81 22.67
C VAL A 139 4.96 -15.97 24.04
N GLY A 140 6.05 -15.24 24.25
CA GLY A 140 6.75 -15.22 25.54
C GLY A 140 6.11 -14.26 26.54
N PRO A 141 6.67 -14.17 27.76
CA PRO A 141 6.14 -13.33 28.83
C PRO A 141 6.05 -11.84 28.48
N GLU A 142 7.01 -11.34 27.70
CA GLU A 142 7.03 -9.93 27.31
C GLU A 142 5.80 -9.50 26.50
N VAL A 143 5.46 -10.30 25.49
CA VAL A 143 4.28 -10.06 24.66
C VAL A 143 3.00 -10.35 25.43
N GLU A 144 3.01 -11.44 26.21
CA GLU A 144 1.87 -11.82 27.05
C GLU A 144 1.37 -10.67 27.93
N ALA A 145 2.31 -9.99 28.60
CA ALA A 145 1.99 -8.84 29.45
C ALA A 145 1.46 -7.66 28.64
N ALA A 146 2.00 -7.48 27.43
CA ALA A 146 1.56 -6.42 26.53
C ALA A 146 0.14 -6.67 26.01
N LEU A 147 -0.15 -7.93 25.68
CA LEU A 147 -1.49 -8.35 25.21
C LEU A 147 -2.55 -8.15 26.28
N LYS A 148 -2.16 -8.31 27.55
CA LYS A 148 -3.05 -8.11 28.69
C LYS A 148 -3.42 -6.63 28.85
N LEU A 149 -2.48 -5.74 28.54
CA LEU A 149 -2.71 -4.30 28.60
C LEU A 149 -3.64 -3.81 27.49
N MET A 150 -3.57 -4.46 26.33
CA MET A 150 -4.44 -4.14 25.20
C MET A 150 -5.87 -4.59 25.45
N GLU A 151 -6.03 -5.75 26.08
CA GLU A 151 -7.33 -6.22 26.57
C GLU A 151 -7.92 -5.22 27.55
N LYS A 152 -7.06 -4.67 28.41
CA LYS A 152 -7.45 -3.65 29.39
C LYS A 152 -7.62 -2.26 28.79
N ARG A 153 -7.21 -2.10 27.53
CA ARG A 153 -7.24 -0.81 26.82
C ARG A 153 -6.32 0.24 27.48
N GLU A 154 -5.17 -0.20 27.98
CA GLU A 154 -4.24 0.67 28.68
C GLU A 154 -2.86 0.69 28.00
N TYR A 155 -2.77 0.04 26.84
CA TYR A 155 -1.51 -0.10 26.10
C TYR A 155 -1.04 1.21 25.47
N LYS A 156 0.23 1.52 25.70
CA LYS A 156 0.89 2.69 25.13
C LYS A 156 2.09 2.23 24.31
N PHE A 157 2.37 2.93 23.21
CA PHE A 157 3.49 2.58 22.34
C PHE A 157 4.09 3.78 21.62
N ALA A 158 5.26 3.56 21.02
CA ALA A 158 5.88 4.53 20.13
C ALA A 158 6.19 3.87 18.80
N CYS A 159 6.08 4.64 17.71
CA CYS A 159 6.44 4.15 16.39
C CYS A 159 7.90 4.46 16.11
N GLN A 160 8.60 3.48 15.53
CA GLN A 160 10.00 3.63 15.18
C GLN A 160 10.11 4.06 13.71
N THR A 161 10.64 5.28 13.50
CA THR A 161 10.81 5.81 12.15
C THR A 161 12.00 5.16 11.47
N PHE A 162 11.73 4.53 10.32
CA PHE A 162 12.77 3.91 9.50
C PHE A 162 12.83 4.56 8.14
N LEU A 163 14.04 4.77 7.64
CA LEU A 163 14.25 5.26 6.29
C LEU A 163 14.14 4.08 5.32
N LYS A 164 13.33 4.26 4.28
CA LYS A 164 13.10 3.21 3.30
C LYS A 164 14.23 3.16 2.26
N ASP A 165 14.96 2.05 2.26
CA ASP A 165 16.05 1.83 1.31
C ASP A 165 15.50 1.27 0.00
N GLU A 166 15.29 2.16 -0.98
CA GLU A 166 14.66 1.80 -2.24
C GLU A 166 15.15 2.65 -3.41
N ILE A 167 14.94 2.14 -4.62
CA ILE A 167 15.24 2.87 -5.85
C ILE A 167 14.17 3.95 -6.06
N ARG A 168 14.62 5.18 -6.30
CA ARG A 168 13.73 6.31 -6.53
C ARG A 168 14.19 7.13 -7.73
N PRO A 169 13.25 7.80 -8.43
CA PRO A 169 13.65 8.77 -9.46
C PRO A 169 14.63 9.79 -8.90
N MET A 170 15.65 10.11 -9.69
CA MET A 170 16.78 10.96 -9.25
C MET A 170 16.36 12.36 -8.78
N GLU A 171 15.24 12.85 -9.30
CA GLU A 171 14.68 14.14 -8.88
C GLU A 171 14.28 14.12 -7.41
N LYS A 172 13.69 13.01 -6.98
CA LYS A 172 13.23 12.85 -5.59
C LYS A 172 14.38 12.51 -4.65
N VAL A 173 15.39 11.83 -5.17
CA VAL A 173 16.62 11.52 -4.41
C VAL A 173 17.36 12.81 -4.06
N ARG A 174 17.50 13.69 -5.05
CA ARG A 174 18.16 14.99 -4.88
C ARG A 174 17.36 15.95 -4.02
N ALA A 175 16.03 15.83 -4.06
CA ALA A 175 15.15 16.66 -3.23
C ALA A 175 15.03 16.11 -1.80
N GLY A 176 15.69 14.98 -1.55
CA GLY A 176 15.68 14.34 -0.23
C GLY A 176 14.33 13.80 0.16
N LYS A 177 13.53 13.43 -0.83
CA LYS A 177 12.18 12.90 -0.59
C LYS A 177 12.22 11.40 -0.35
N THR A 178 13.06 10.99 0.60
CA THR A 178 13.15 9.60 1.03
C THR A 178 11.87 9.25 1.78
N ARG A 179 11.24 8.15 1.38
CA ARG A 179 10.06 7.65 2.06
C ARG A 179 10.43 7.05 3.41
N ILE A 180 9.48 7.05 4.33
CA ILE A 180 9.71 6.48 5.66
C ILE A 180 8.72 5.36 6.00
N VAL A 181 9.17 4.44 6.84
CA VAL A 181 8.34 3.37 7.36
C VAL A 181 8.24 3.52 8.87
N ASP A 182 7.02 3.65 9.36
CA ASP A 182 6.75 3.75 10.79
C ASP A 182 6.60 2.34 11.34
N VAL A 183 7.68 1.82 11.92
CA VAL A 183 7.69 0.46 12.44
C VAL A 183 7.01 0.38 13.81
N LEU A 184 5.89 -0.34 13.85
CA LEU A 184 5.12 -0.55 15.07
C LEU A 184 5.67 -1.74 15.86
N PRO A 185 5.43 -1.77 17.19
CA PRO A 185 5.86 -2.90 18.01
C PRO A 185 5.18 -4.20 17.57
N VAL A 186 5.94 -5.30 17.59
CA VAL A 186 5.47 -6.59 17.08
C VAL A 186 4.18 -7.10 17.74
N GLU A 187 3.98 -6.74 19.00
CA GLU A 187 2.78 -7.11 19.75
C GLU A 187 1.52 -6.36 19.28
N HIS A 188 1.71 -5.12 18.83
CA HIS A 188 0.62 -4.32 18.28
C HIS A 188 0.13 -4.92 16.97
N ILE A 189 1.09 -5.37 16.15
CA ILE A 189 0.80 -6.02 14.87
C ILE A 189 0.04 -7.33 15.11
N LEU A 190 0.54 -8.13 16.04
CA LEU A 190 -0.06 -9.41 16.40
C LEU A 190 -1.51 -9.25 16.88
N TYR A 191 -1.73 -8.31 17.80
CA TYR A 191 -3.07 -8.06 18.36
C TYR A 191 -4.05 -7.51 17.33
N THR A 192 -3.57 -6.65 16.43
CA THR A 192 -4.39 -6.15 15.32
C THR A 192 -4.85 -7.32 14.44
N ARG A 193 -3.91 -8.21 14.11
CA ARG A 193 -4.21 -9.43 13.36
C ARG A 193 -5.20 -10.33 14.11
N MET A 194 -5.10 -10.36 15.44
CA MET A 194 -6.08 -11.05 16.27
C MET A 194 -7.46 -10.41 16.11
N MET A 195 -7.50 -9.08 16.16
CA MET A 195 -8.77 -8.33 16.13
C MET A 195 -9.46 -8.33 14.76
N ILE A 196 -8.68 -8.24 13.69
CA ILE A 196 -9.26 -8.08 12.35
C ILE A 196 -8.68 -9.01 11.29
N GLY A 197 -7.99 -10.06 11.74
CA GLY A 197 -7.30 -11.00 10.86
C GLY A 197 -8.16 -11.76 9.88
N ARG A 198 -9.27 -12.34 10.36
CA ARG A 198 -10.19 -13.06 9.46
C ARG A 198 -10.89 -12.11 8.48
N PHE A 199 -11.24 -10.92 8.96
CA PHE A 199 -11.75 -9.87 8.08
C PHE A 199 -10.74 -9.59 6.95
N CYS A 200 -9.49 -9.38 7.32
CA CYS A 200 -8.42 -9.16 6.35
C CYS A 200 -8.27 -10.34 5.37
N ALA A 201 -8.33 -11.57 5.90
CA ALA A 201 -8.29 -12.78 5.08
C ALA A 201 -9.46 -12.81 4.08
N GLN A 202 -10.66 -12.48 4.56
CA GLN A 202 -11.84 -12.40 3.72
C GLN A 202 -11.73 -11.32 2.64
N MET A 203 -11.18 -10.16 3.00
CA MET A 203 -10.89 -9.08 2.05
C MET A 203 -10.02 -9.58 0.90
N HIS A 204 -8.90 -10.23 1.25
CA HIS A 204 -7.95 -10.75 0.27
C HIS A 204 -8.56 -11.77 -0.69
N SER A 205 -9.34 -12.69 -0.13
CA SER A 205 -10.02 -13.74 -0.90
C SER A 205 -11.07 -13.19 -1.84
N ASN A 206 -11.69 -12.08 -1.45
CA ASN A 206 -12.79 -11.49 -2.21
C ASN A 206 -12.41 -10.22 -2.96
N ASN A 207 -11.13 -10.06 -3.28
CA ASN A 207 -10.66 -8.88 -3.99
C ASN A 207 -11.39 -8.70 -5.34
N GLY A 208 -11.58 -7.44 -5.73
CA GLY A 208 -12.34 -7.12 -6.94
C GLY A 208 -13.13 -5.84 -6.78
N PRO A 209 -13.71 -5.34 -7.89
CA PRO A 209 -14.47 -4.07 -7.92
C PRO A 209 -15.69 -4.06 -7.00
N GLN A 210 -16.26 -5.23 -6.73
CA GLN A 210 -17.44 -5.35 -5.87
C GLN A 210 -17.19 -4.79 -4.47
N ILE A 211 -16.01 -5.07 -3.92
CA ILE A 211 -15.62 -4.48 -2.63
C ILE A 211 -14.65 -3.30 -2.80
N GLY A 212 -14.33 -2.99 -4.06
CA GLY A 212 -13.44 -1.87 -4.40
C GLY A 212 -12.00 -2.02 -3.93
N SER A 213 -11.54 -3.26 -3.82
CA SER A 213 -10.22 -3.56 -3.26
C SER A 213 -9.43 -4.54 -4.11
N ALA A 214 -8.17 -4.19 -4.39
CA ALA A 214 -7.26 -5.08 -5.13
C ALA A 214 -6.26 -5.76 -4.21
N VAL A 215 -6.33 -5.48 -2.91
CA VAL A 215 -5.42 -6.11 -1.94
C VAL A 215 -5.65 -7.62 -1.93
N GLY A 216 -4.59 -8.37 -2.26
CA GLY A 216 -4.67 -9.83 -2.34
C GLY A 216 -4.66 -10.37 -3.77
N CYS A 217 -4.70 -9.47 -4.75
CA CYS A 217 -4.77 -9.86 -6.15
C CYS A 217 -3.42 -10.35 -6.70
N ASN A 218 -3.48 -11.04 -7.83
CA ASN A 218 -2.31 -11.45 -8.59
C ASN A 218 -2.42 -10.86 -10.00
N PRO A 219 -1.71 -9.75 -10.27
CA PRO A 219 -1.84 -9.00 -11.52
C PRO A 219 -1.72 -9.86 -12.79
N ASP A 220 -0.89 -10.90 -12.74
CA ASP A 220 -0.75 -11.85 -13.85
C ASP A 220 -2.07 -12.50 -14.23
N VAL A 221 -2.88 -12.80 -13.22
CA VAL A 221 -4.14 -13.51 -13.39
C VAL A 221 -5.32 -12.54 -13.45
N ASP A 222 -5.29 -11.53 -12.57
CA ASP A 222 -6.45 -10.68 -12.31
C ASP A 222 -6.57 -9.47 -13.23
N TRP A 223 -5.55 -9.20 -14.04
CA TRP A 223 -5.59 -8.10 -15.00
C TRP A 223 -6.66 -8.33 -16.06
N GLN A 224 -6.92 -9.59 -16.37
CA GLN A 224 -8.01 -9.97 -17.28
C GLN A 224 -9.36 -9.70 -16.62
N ARG A 225 -9.49 -10.10 -15.36
CA ARG A 225 -10.71 -9.86 -14.60
C ARG A 225 -11.01 -8.36 -14.41
N PHE A 226 -10.01 -7.58 -14.00
CA PHE A 226 -10.19 -6.14 -13.81
C PHE A 226 -10.33 -5.43 -15.16
N GLY A 227 -9.52 -5.84 -16.13
CA GLY A 227 -9.50 -5.25 -17.46
C GLY A 227 -10.84 -5.27 -18.16
N THR A 228 -11.47 -6.44 -18.19
CA THR A 228 -12.75 -6.63 -18.85
C THR A 228 -13.88 -5.90 -18.13
N HIS A 229 -13.76 -5.77 -16.81
CA HIS A 229 -14.74 -5.04 -16.00
C HIS A 229 -14.78 -3.55 -16.36
N PHE A 230 -13.61 -2.90 -16.32
CA PHE A 230 -13.53 -1.46 -16.54
C PHE A 230 -13.69 -1.04 -18.02
N ALA A 231 -13.47 -1.98 -18.94
CA ALA A 231 -13.68 -1.74 -20.36
C ALA A 231 -15.16 -1.58 -20.72
N GLN A 232 -16.04 -1.99 -19.81
CA GLN A 232 -17.49 -1.90 -19.98
C GLN A 232 -18.01 -0.47 -19.80
N TYR A 233 -17.18 0.39 -19.22
CA TYR A 233 -17.61 1.74 -18.84
C TYR A 233 -17.12 2.82 -19.81
N ARG A 234 -17.96 3.84 -19.99
CA ARG A 234 -17.70 4.92 -20.92
C ARG A 234 -16.54 5.81 -20.50
N ASN A 235 -16.41 6.01 -19.19
CA ASN A 235 -15.36 6.87 -18.63
C ASN A 235 -14.52 6.14 -17.59
N VAL A 236 -13.21 6.28 -17.70
CA VAL A 236 -12.27 5.72 -16.71
C VAL A 236 -11.33 6.83 -16.23
N TRP A 237 -11.17 6.93 -14.92
CA TRP A 237 -10.28 7.95 -14.33
C TRP A 237 -9.09 7.32 -13.61
N ASP A 238 -7.92 7.95 -13.81
CA ASP A 238 -6.70 7.60 -13.10
C ASP A 238 -6.38 8.75 -12.14
N VAL A 239 -6.66 8.53 -10.85
CA VAL A 239 -6.59 9.59 -9.84
C VAL A 239 -5.35 9.43 -8.96
N ASP A 240 -4.57 10.51 -8.87
CA ASP A 240 -3.39 10.55 -8.01
C ASP A 240 -3.65 11.37 -6.76
N TYR A 241 -3.22 10.84 -5.62
CA TYR A 241 -3.27 11.57 -4.35
C TYR A 241 -1.90 12.12 -4.01
N SER A 242 -1.89 13.20 -3.23
CA SER A 242 -0.66 13.73 -2.65
C SER A 242 -0.60 13.37 -1.17
N ALA A 243 0.39 12.56 -0.81
CA ALA A 243 0.60 12.09 0.57
C ALA A 243 -0.69 11.57 1.22
N PHE A 244 -1.31 10.58 0.55
CA PHE A 244 -2.56 9.97 0.97
C PHE A 244 -2.56 9.54 2.43
N ASP A 245 -1.55 8.76 2.82
CA ASP A 245 -1.43 8.18 4.16
C ASP A 245 -1.37 9.24 5.26
N ALA A 246 -0.52 10.24 5.08
CA ALA A 246 -0.31 11.29 6.08
C ALA A 246 -1.49 12.25 6.18
N ASN A 247 -2.28 12.36 5.12
CA ASN A 247 -3.36 13.34 5.06
C ASN A 247 -4.73 12.85 5.53
N HIS A 248 -4.79 11.61 6.02
CA HIS A 248 -5.99 11.09 6.65
C HIS A 248 -6.26 11.87 7.94
N CYS A 249 -7.36 12.60 7.98
CA CYS A 249 -7.67 13.40 9.16
C CYS A 249 -8.29 12.55 10.26
N SER A 250 -8.07 12.98 11.50
CA SER A 250 -8.57 12.29 12.69
C SER A 250 -10.07 12.00 12.64
N ASP A 251 -10.84 12.97 12.14
CA ASP A 251 -12.29 12.83 12.01
C ASP A 251 -12.67 11.66 11.09
N ALA A 252 -12.08 11.63 9.89
CA ALA A 252 -12.33 10.57 8.91
C ALA A 252 -11.88 9.19 9.39
N MET A 253 -10.70 9.12 10.02
CA MET A 253 -10.17 7.87 10.55
C MET A 253 -11.08 7.30 11.65
N ASN A 254 -11.38 8.13 12.65
CA ASN A 254 -12.22 7.73 13.78
C ASN A 254 -13.61 7.25 13.37
N ILE A 255 -14.23 7.95 12.42
CA ILE A 255 -15.57 7.60 11.94
C ILE A 255 -15.57 6.31 11.12
N MET A 256 -14.54 6.13 10.29
CA MET A 256 -14.38 4.91 9.51
C MET A 256 -14.21 3.69 10.43
N PHE A 257 -13.34 3.81 11.43
CA PHE A 257 -13.13 2.73 12.41
C PHE A 257 -14.43 2.41 13.16
N GLU A 258 -15.17 3.45 13.52
CA GLU A 258 -16.45 3.30 14.24
C GLU A 258 -17.51 2.57 13.42
N GLU A 259 -17.59 2.88 12.13
CA GLU A 259 -18.66 2.34 11.28
C GLU A 259 -18.34 0.99 10.65
N VAL A 260 -17.07 0.74 10.35
CA VAL A 260 -16.70 -0.49 9.66
C VAL A 260 -16.48 -1.67 10.63
N PHE A 261 -15.92 -1.39 11.80
CA PHE A 261 -15.52 -2.45 12.73
C PHE A 261 -16.42 -2.59 13.95
N ARG A 262 -17.73 -2.45 13.73
CA ARG A 262 -18.74 -2.52 14.78
C ARG A 262 -18.92 -3.95 15.28
N THR A 263 -19.23 -4.10 16.56
CA THR A 263 -19.45 -5.41 17.18
C THR A 263 -20.62 -6.16 16.53
N GLU A 264 -21.57 -5.40 15.97
CA GLU A 264 -22.70 -5.98 15.24
C GLU A 264 -22.31 -6.62 13.92
N PHE A 265 -21.10 -6.34 13.44
CA PHE A 265 -20.54 -7.01 12.27
C PHE A 265 -19.65 -8.20 12.67
N GLY A 266 -19.68 -8.55 13.95
CA GLY A 266 -18.98 -9.75 14.44
C GLY A 266 -17.62 -9.51 15.05
N PHE A 267 -17.19 -8.24 15.07
CA PHE A 267 -15.89 -7.87 15.63
C PHE A 267 -15.90 -7.82 17.16
N HIS A 268 -14.76 -8.15 17.76
CA HIS A 268 -14.48 -7.89 19.17
C HIS A 268 -14.49 -6.38 19.40
N PRO A 269 -15.02 -5.93 20.55
CA PRO A 269 -15.03 -4.49 20.91
C PRO A 269 -13.68 -3.79 20.81
N ASN A 270 -12.58 -4.54 20.96
CA ASN A 270 -11.24 -3.97 20.91
C ASN A 270 -10.68 -3.76 19.50
N ALA A 271 -11.39 -4.25 18.48
CA ALA A 271 -10.97 -4.04 17.09
C ALA A 271 -10.99 -2.55 16.75
N GLU A 272 -12.09 -1.89 17.12
CA GLU A 272 -12.20 -0.44 16.97
C GLU A 272 -11.14 0.30 17.80
N TRP A 273 -10.92 -0.17 19.02
CA TRP A 273 -9.96 0.46 19.93
C TRP A 273 -8.51 0.36 19.43
N ILE A 274 -8.09 -0.82 18.99
CA ILE A 274 -6.71 -1.01 18.54
C ILE A 274 -6.39 -0.18 17.29
N LEU A 275 -7.38 -0.03 16.41
CA LEU A 275 -7.22 0.79 15.22
C LEU A 275 -7.21 2.29 15.54
N LYS A 276 -7.97 2.69 16.56
CA LYS A 276 -8.00 4.09 16.98
C LYS A 276 -6.69 4.58 17.60
N THR A 277 -5.85 3.66 18.07
CA THR A 277 -4.53 4.00 18.62
C THR A 277 -3.56 4.50 17.53
N LEU A 278 -3.95 4.34 16.27
CA LEU A 278 -3.15 4.78 15.14
C LEU A 278 -3.36 6.25 14.79
N VAL A 279 -4.40 6.86 15.39
CA VAL A 279 -4.78 8.25 15.09
C VAL A 279 -3.80 9.26 15.71
N ASN A 280 -3.55 9.11 17.01
CA ASN A 280 -2.58 9.95 17.71
C ASN A 280 -1.36 9.14 18.09
N THR A 281 -0.24 9.42 17.43
CA THR A 281 0.97 8.61 17.56
C THR A 281 2.20 9.39 18.02
N GLU A 282 3.13 8.69 18.65
CA GLU A 282 4.42 9.23 19.01
C GLU A 282 5.48 8.53 18.15
N HIS A 283 6.29 9.34 17.46
CA HIS A 283 7.30 8.81 16.54
C HIS A 283 8.72 9.09 17.03
N ALA A 284 9.55 8.06 16.97
CA ALA A 284 10.95 8.16 17.42
C ALA A 284 11.91 8.19 16.25
N TYR A 285 12.57 9.33 16.07
CA TYR A 285 13.58 9.51 15.04
C TYR A 285 14.85 10.06 15.67
N GLU A 286 15.89 9.22 15.72
CA GLU A 286 17.14 9.50 16.41
C GLU A 286 16.91 10.03 17.83
N ASN A 287 17.35 11.25 18.10
CA ASN A 287 17.18 11.88 19.42
C ASN A 287 15.85 12.62 19.60
N LYS A 288 15.05 12.67 18.54
CA LYS A 288 13.78 13.38 18.56
C LYS A 288 12.57 12.46 18.75
N ARG A 289 11.63 12.92 19.58
CA ARG A 289 10.33 12.27 19.73
C ARG A 289 9.26 13.24 19.23
N ILE A 290 8.53 12.81 18.21
CA ILE A 290 7.56 13.67 17.54
C ILE A 290 6.14 13.13 17.70
N THR A 291 5.28 13.92 18.33
CA THR A 291 3.88 13.56 18.52
C THR A 291 3.05 14.10 17.36
N VAL A 292 2.31 13.20 16.71
CA VAL A 292 1.53 13.54 15.52
C VAL A 292 0.05 13.23 15.73
N GLU A 293 -0.82 14.14 15.30
CA GLU A 293 -2.27 13.93 15.35
C GLU A 293 -2.84 13.77 13.93
N GLY A 294 -3.41 12.61 13.67
CA GLY A 294 -3.93 12.27 12.35
C GLY A 294 -2.91 11.49 11.53
N GLY A 295 -3.33 11.03 10.35
CA GLY A 295 -2.46 10.25 9.48
C GLY A 295 -2.36 8.79 9.88
N MET A 296 -2.04 7.94 8.89
CA MET A 296 -1.88 6.52 9.10
C MET A 296 -0.41 6.10 9.09
N PRO A 297 0.03 5.35 10.12
CA PRO A 297 1.37 4.75 10.07
C PRO A 297 1.43 3.61 9.05
N SER A 298 2.61 3.42 8.45
CA SER A 298 2.80 2.43 7.39
C SER A 298 3.16 1.03 7.88
N GLY A 299 3.62 0.94 9.12
CA GLY A 299 4.04 -0.34 9.69
C GLY A 299 2.96 -1.09 10.42
N CYS A 300 1.75 -0.51 10.42
CA CYS A 300 0.58 -1.14 11.02
C CYS A 300 0.19 -2.38 10.24
N SER A 301 -0.38 -3.37 10.94
CA SER A 301 -1.04 -4.48 10.28
C SER A 301 -2.25 -3.94 9.51
N ALA A 302 -2.40 -4.38 8.26
CA ALA A 302 -3.52 -3.97 7.41
C ALA A 302 -3.56 -2.47 7.09
N THR A 303 -2.39 -1.84 7.02
CA THR A 303 -2.31 -0.45 6.57
C THR A 303 -2.85 -0.30 5.15
N SER A 304 -2.53 -1.26 4.28
CA SER A 304 -3.03 -1.29 2.91
C SER A 304 -4.55 -1.38 2.86
N ILE A 305 -5.11 -2.21 3.74
CA ILE A 305 -6.55 -2.43 3.82
C ILE A 305 -7.27 -1.19 4.37
N ILE A 306 -6.73 -0.60 5.43
CA ILE A 306 -7.28 0.63 6.00
C ILE A 306 -7.30 1.76 4.96
N ASN A 307 -6.17 1.95 4.28
CA ASN A 307 -6.06 2.94 3.20
C ASN A 307 -7.02 2.68 2.04
N THR A 308 -7.21 1.41 1.70
CA THR A 308 -8.12 0.99 0.65
C THR A 308 -9.57 1.30 1.01
N ILE A 309 -9.95 0.98 2.25
CA ILE A 309 -11.30 1.26 2.74
C ILE A 309 -11.59 2.77 2.75
N LEU A 310 -10.65 3.55 3.28
CA LEU A 310 -10.76 5.02 3.26
C LEU A 310 -10.89 5.56 1.84
N ASN A 311 -10.09 5.04 0.91
CA ASN A 311 -10.15 5.44 -0.49
C ASN A 311 -11.55 5.25 -1.08
N ASN A 312 -12.17 4.12 -0.77
CA ASN A 312 -13.54 3.83 -1.19
C ASN A 312 -14.56 4.82 -0.62
N ILE A 313 -14.45 5.10 0.67
CA ILE A 313 -15.36 6.04 1.33
C ILE A 313 -15.13 7.48 0.85
N TYR A 314 -13.88 7.82 0.57
CA TYR A 314 -13.52 9.15 0.04
C TYR A 314 -14.23 9.48 -1.27
N VAL A 315 -14.25 8.52 -2.19
CA VAL A 315 -14.88 8.71 -3.50
C VAL A 315 -16.40 8.85 -3.36
N LEU A 316 -17.00 8.02 -2.51
CA LEU A 316 -18.43 8.11 -2.23
C LEU A 316 -18.80 9.43 -1.55
N TYR A 317 -17.96 9.86 -0.61
CA TYR A 317 -18.16 11.13 0.11
C TYR A 317 -18.08 12.33 -0.82
N ALA A 318 -17.03 12.36 -1.65
CA ALA A 318 -16.81 13.48 -2.57
C ALA A 318 -17.93 13.62 -3.60
N LEU A 319 -18.41 12.48 -4.10
CA LEU A 319 -19.47 12.47 -5.11
C LEU A 319 -20.84 12.89 -4.54
N ARG A 320 -21.13 12.46 -3.31
CA ARG A 320 -22.39 12.81 -2.63
C ARG A 320 -22.41 14.27 -2.18
N ARG A 321 -21.21 14.83 -1.97
CA ARG A 321 -21.08 16.23 -1.57
C ARG A 321 -21.31 17.16 -2.76
N HIS A 322 -21.14 16.65 -3.98
CA HIS A 322 -21.32 17.43 -5.20
C HIS A 322 -22.64 17.13 -5.92
N TYR A 323 -22.97 15.85 -6.04
CA TYR A 323 -24.18 15.43 -6.75
C TYR A 323 -25.24 14.89 -5.80
N GLU A 324 -26.49 14.89 -6.27
CA GLU A 324 -27.61 14.30 -5.54
C GLU A 324 -27.92 12.91 -6.08
N GLY A 325 -28.40 12.03 -5.20
CA GLY A 325 -28.78 10.67 -5.58
C GLY A 325 -27.63 9.73 -5.91
N VAL A 326 -26.44 10.03 -5.38
CA VAL A 326 -25.27 9.16 -5.62
C VAL A 326 -25.30 7.93 -4.72
N GLU A 327 -25.27 6.76 -5.34
CA GLU A 327 -25.21 5.49 -4.62
C GLU A 327 -23.96 4.72 -5.04
N LEU A 328 -23.75 3.54 -4.44
CA LEU A 328 -22.58 2.72 -4.75
C LEU A 328 -22.54 2.18 -6.19
N ASP A 329 -23.71 2.03 -6.79
CA ASP A 329 -23.80 1.57 -8.18
C ASP A 329 -23.79 2.71 -9.22
N THR A 330 -23.61 3.95 -8.74
CA THR A 330 -23.45 5.11 -9.62
C THR A 330 -22.13 5.02 -10.38
N TYR A 331 -21.14 4.39 -9.74
CA TYR A 331 -19.81 4.22 -10.30
C TYR A 331 -19.25 2.87 -9.91
N THR A 332 -18.02 2.61 -10.36
CA THR A 332 -17.26 1.45 -9.90
C THR A 332 -15.82 1.86 -9.66
N MET A 333 -15.14 1.14 -8.77
CA MET A 333 -13.73 1.41 -8.48
C MET A 333 -12.97 0.22 -7.91
N ILE A 334 -11.66 0.25 -8.13
CA ILE A 334 -10.72 -0.65 -7.48
C ILE A 334 -9.58 0.19 -6.92
N SER A 335 -9.17 -0.11 -5.69
CA SER A 335 -8.05 0.57 -5.09
C SER A 335 -7.09 -0.39 -4.39
N TYR A 336 -5.87 0.08 -4.18
CA TYR A 336 -4.87 -0.61 -3.39
C TYR A 336 -4.12 0.47 -2.64
N GLY A 337 -4.50 0.70 -1.39
CA GLY A 337 -3.99 1.85 -0.64
C GLY A 337 -4.42 3.14 -1.34
N ASP A 338 -3.43 3.96 -1.68
CA ASP A 338 -3.68 5.24 -2.36
C ASP A 338 -3.92 5.11 -3.88
N ASP A 339 -3.51 3.98 -4.44
CA ASP A 339 -3.65 3.73 -5.87
C ASP A 339 -5.10 3.42 -6.20
N ILE A 340 -5.61 4.01 -7.27
CA ILE A 340 -7.04 3.98 -7.56
C ILE A 340 -7.39 4.07 -9.04
N VAL A 341 -8.36 3.26 -9.47
CA VAL A 341 -8.99 3.35 -10.77
C VAL A 341 -10.50 3.50 -10.56
N VAL A 342 -11.07 4.60 -11.07
CA VAL A 342 -12.52 4.86 -10.98
C VAL A 342 -13.15 4.82 -12.36
N ALA A 343 -14.38 4.29 -12.45
CA ALA A 343 -15.11 4.28 -13.72
C ALA A 343 -16.61 4.53 -13.53
N SER A 344 -17.25 5.07 -14.57
CA SER A 344 -18.68 5.38 -14.56
C SER A 344 -19.21 5.59 -15.98
N ASP A 345 -20.50 5.31 -16.17
CA ASP A 345 -21.20 5.64 -17.41
C ASP A 345 -21.72 7.07 -17.37
N TYR A 346 -21.80 7.64 -16.17
CA TYR A 346 -22.15 9.05 -16.00
C TYR A 346 -20.90 9.91 -16.20
N ASP A 347 -21.08 11.05 -16.86
CA ASP A 347 -19.99 11.99 -17.11
C ASP A 347 -19.66 12.78 -15.84
N LEU A 348 -19.00 12.12 -14.89
CA LEU A 348 -18.65 12.72 -13.60
C LEU A 348 -17.56 13.77 -13.75
N ASP A 349 -17.72 14.88 -13.04
CA ASP A 349 -16.77 15.99 -13.10
C ASP A 349 -15.80 15.91 -11.93
N PHE A 350 -14.68 15.22 -12.14
CA PHE A 350 -13.66 15.04 -11.12
C PHE A 350 -12.88 16.32 -10.78
N GLU A 351 -12.93 17.29 -11.70
CA GLU A 351 -12.34 18.61 -11.45
C GLU A 351 -13.16 19.36 -10.40
N ALA A 352 -14.47 19.20 -10.46
CA ALA A 352 -15.38 19.79 -9.47
C ALA A 352 -15.32 19.07 -8.13
N LEU A 353 -14.78 17.85 -8.12
CA LEU A 353 -14.65 17.07 -6.89
C LEU A 353 -13.42 17.47 -6.07
N LYS A 354 -12.49 18.17 -6.70
CA LYS A 354 -11.25 18.62 -6.04
C LYS A 354 -11.46 19.30 -4.67
N PRO A 355 -12.36 20.32 -4.59
CA PRO A 355 -12.65 20.94 -3.29
C PRO A 355 -13.30 19.98 -2.27
N HIS A 356 -14.10 19.04 -2.75
CA HIS A 356 -14.77 18.08 -1.88
C HIS A 356 -13.80 17.09 -1.23
N PHE A 357 -12.78 16.68 -1.98
CA PHE A 357 -11.67 15.89 -1.43
C PHE A 357 -10.84 16.72 -0.44
N LYS A 358 -10.72 18.02 -0.70
CA LYS A 358 -9.97 18.95 0.16
C LYS A 358 -10.56 19.09 1.56
N SER A 359 -11.89 18.95 1.67
CA SER A 359 -12.57 18.98 2.97
C SER A 359 -12.16 17.80 3.87
N LEU A 360 -11.58 16.77 3.25
CA LEU A 360 -10.99 15.64 3.97
C LEU A 360 -9.49 15.82 4.15
N GLY A 361 -8.93 16.84 3.50
CA GLY A 361 -7.51 17.13 3.57
C GLY A 361 -6.70 16.45 2.48
N GLN A 362 -7.40 15.87 1.50
CA GLN A 362 -6.76 15.14 0.40
C GLN A 362 -6.72 15.96 -0.88
N THR A 363 -5.59 15.90 -1.58
CA THR A 363 -5.38 16.60 -2.85
C THR A 363 -5.37 15.61 -4.01
N ILE A 364 -6.41 15.65 -4.84
CA ILE A 364 -6.45 14.80 -6.04
C ILE A 364 -5.98 15.54 -7.29
N THR A 365 -5.15 14.87 -8.08
CA THR A 365 -4.68 15.39 -9.35
C THR A 365 -4.75 14.28 -10.40
N PRO A 366 -4.93 14.65 -11.68
CA PRO A 366 -4.94 13.65 -12.75
C PRO A 366 -3.60 12.93 -12.87
N ALA A 367 -3.65 11.63 -13.10
CA ALA A 367 -2.45 10.86 -13.43
C ALA A 367 -2.28 10.86 -14.94
N ASP A 368 -3.40 11.06 -15.65
CA ASP A 368 -3.44 11.11 -17.11
C ASP A 368 -2.65 12.33 -17.57
N LYS A 369 -1.32 12.21 -17.50
CA LYS A 369 -0.39 13.34 -17.54
C LYS A 369 -0.66 14.31 -16.39
N SER A 370 0.33 15.17 -16.09
CA SER A 370 0.09 16.29 -15.21
C SER A 370 -0.49 17.42 -16.07
N ASP A 371 -1.75 17.20 -16.49
CA ASP A 371 -2.41 17.98 -17.54
C ASP A 371 -3.44 18.95 -16.97
N LYS A 372 -4.03 19.77 -17.85
CA LYS A 372 -5.06 20.74 -17.49
C LYS A 372 -6.36 20.10 -16.99
N GLY A 373 -6.30 19.56 -15.77
CA GLY A 373 -7.49 18.99 -15.11
C GLY A 373 -7.90 17.61 -15.60
N PHE A 374 -8.96 17.08 -15.00
CA PHE A 374 -9.52 15.78 -15.36
C PHE A 374 -10.35 15.87 -16.64
N VAL A 375 -10.20 14.87 -17.50
CA VAL A 375 -10.92 14.80 -18.77
C VAL A 375 -11.75 13.52 -18.87
N LEU A 376 -12.74 13.55 -19.78
CA LEU A 376 -13.65 12.42 -19.98
C LEU A 376 -13.21 11.55 -21.15
N GLY A 377 -13.81 10.36 -21.25
CA GLY A 377 -13.64 9.50 -22.43
C GLY A 377 -12.47 8.52 -22.38
N HIS A 378 -11.60 8.69 -21.38
CA HIS A 378 -10.45 7.80 -21.20
C HIS A 378 -10.88 6.37 -20.91
N SER A 379 -10.05 5.42 -21.36
CA SER A 379 -10.33 3.99 -21.19
C SER A 379 -9.34 3.36 -20.22
N ILE A 380 -9.55 2.08 -19.92
CA ILE A 380 -8.67 1.34 -19.02
C ILE A 380 -7.29 1.07 -19.65
N THR A 381 -7.22 1.12 -20.97
CA THR A 381 -5.96 0.98 -21.69
C THR A 381 -5.12 2.27 -21.67
N ASP A 382 -5.67 3.31 -21.06
CA ASP A 382 -4.98 4.59 -20.89
C ASP A 382 -4.39 4.76 -19.48
N VAL A 383 -4.87 3.95 -18.54
CA VAL A 383 -4.52 4.15 -17.12
C VAL A 383 -3.40 3.23 -16.62
N THR A 384 -2.84 3.60 -15.47
CA THR A 384 -1.87 2.78 -14.76
C THR A 384 -2.46 2.37 -13.41
N PHE A 385 -2.20 1.13 -13.00
CA PHE A 385 -2.60 0.62 -11.69
C PHE A 385 -1.53 -0.34 -11.22
N LEU A 386 -1.04 -0.13 -10.00
CA LEU A 386 0.05 -0.92 -9.42
C LEU A 386 1.28 -0.90 -10.33
N LYS A 387 1.58 0.29 -10.86
CA LYS A 387 2.68 0.53 -11.82
C LYS A 387 2.59 -0.33 -13.10
N ARG A 388 1.38 -0.78 -13.42
CA ARG A 388 1.14 -1.63 -14.57
C ARG A 388 0.04 -1.07 -15.46
N HIS A 389 0.30 -1.09 -16.77
CA HIS A 389 -0.69 -0.71 -17.77
C HIS A 389 -1.59 -1.91 -18.09
N PHE A 390 -2.72 -1.64 -18.74
CA PHE A 390 -3.63 -2.67 -19.21
C PHE A 390 -3.49 -2.84 -20.72
N HIS A 391 -2.67 -3.81 -21.12
CA HIS A 391 -2.44 -4.10 -22.54
C HIS A 391 -3.04 -5.45 -22.90
N MET A 392 -3.51 -5.57 -24.14
CA MET A 392 -4.02 -6.83 -24.66
C MET A 392 -2.92 -7.72 -25.20
N ASP A 393 -3.01 -9.01 -24.90
CA ASP A 393 -2.13 -10.01 -25.49
C ASP A 393 -2.78 -10.51 -26.78
N TYR A 394 -2.04 -10.50 -27.87
CA TYR A 394 -2.59 -10.90 -29.17
C TYR A 394 -2.31 -12.36 -29.54
N GLY A 395 -1.86 -13.13 -28.56
CA GLY A 395 -1.73 -14.57 -28.70
C GLY A 395 -2.89 -15.29 -28.02
N THR A 396 -3.48 -14.62 -27.02
CA THR A 396 -4.55 -15.22 -26.21
C THR A 396 -5.84 -14.39 -26.21
N GLY A 397 -5.71 -13.09 -26.44
CA GLY A 397 -6.84 -12.17 -26.34
C GLY A 397 -7.19 -11.82 -24.90
N PHE A 398 -6.17 -11.76 -24.05
CA PHE A 398 -6.36 -11.41 -22.64
C PHE A 398 -5.56 -10.16 -22.26
N TYR A 399 -6.06 -9.43 -21.26
CA TYR A 399 -5.31 -8.32 -20.68
C TYR A 399 -4.09 -8.83 -19.92
N LYS A 400 -2.98 -8.12 -20.05
CA LYS A 400 -1.74 -8.45 -19.36
C LYS A 400 -1.15 -7.20 -18.70
N PRO A 401 -0.54 -7.35 -17.51
CA PRO A 401 0.03 -6.19 -16.82
C PRO A 401 1.39 -5.81 -17.37
N VAL A 402 1.45 -4.67 -18.06
CA VAL A 402 2.68 -4.21 -18.68
C VAL A 402 3.29 -3.05 -17.89
N MET A 403 4.53 -3.23 -17.45
CA MET A 403 5.27 -2.18 -16.77
C MET A 403 6.06 -1.38 -17.79
N ALA A 404 6.29 -0.11 -17.47
CA ALA A 404 7.11 0.76 -18.32
C ALA A 404 8.53 0.22 -18.40
N SER A 405 9.10 0.23 -19.60
CA SER A 405 10.45 -0.26 -19.84
C SER A 405 11.51 0.52 -19.05
N LYS A 406 11.27 1.83 -18.87
CA LYS A 406 12.15 2.68 -18.08
C LYS A 406 12.17 2.26 -16.62
N THR A 407 11.03 1.80 -16.13
CA THR A 407 10.89 1.32 -14.75
C THR A 407 11.58 -0.03 -14.58
N LEU A 408 11.39 -0.93 -15.55
CA LEU A 408 12.03 -2.24 -15.54
C LEU A 408 13.56 -2.12 -15.63
N GLU A 409 14.02 -1.16 -16.42
CA GLU A 409 15.45 -0.82 -16.51
C GLU A 409 15.99 -0.43 -15.14
N ALA A 410 15.26 0.44 -14.44
CA ALA A 410 15.62 0.90 -13.10
C ALA A 410 15.74 -0.23 -12.09
N ILE A 411 14.75 -1.13 -12.11
CA ILE A 411 14.71 -2.30 -11.23
C ILE A 411 15.93 -3.22 -11.47
N LEU A 412 16.24 -3.45 -12.75
CA LEU A 412 17.35 -4.31 -13.14
C LEU A 412 18.73 -3.68 -12.90
N SER A 413 18.75 -2.35 -12.74
CA SER A 413 20.00 -1.59 -12.58
C SER A 413 20.60 -1.63 -11.18
N PHE A 414 19.80 -2.02 -10.19
CA PHE A 414 20.22 -2.07 -8.80
C PHE A 414 19.78 -3.36 -8.12
N ALA A 415 20.64 -3.89 -7.26
CA ALA A 415 20.34 -5.13 -6.52
C ALA A 415 21.16 -5.23 -5.24
N ARG A 416 20.60 -5.91 -4.24
CA ARG A 416 21.32 -6.26 -3.03
C ARG A 416 22.34 -7.35 -3.36
N ARG A 417 23.53 -7.24 -2.75
CA ARG A 417 24.61 -8.19 -2.99
C ARG A 417 24.17 -9.64 -2.74
N GLY A 418 24.47 -10.51 -3.71
CA GLY A 418 24.15 -11.93 -3.60
C GLY A 418 22.71 -12.30 -3.87
N THR A 419 21.91 -11.34 -4.33
CA THR A 419 20.50 -11.58 -4.62
C THR A 419 20.17 -11.37 -6.10
N ILE A 420 21.20 -11.08 -6.91
CA ILE A 420 21.00 -10.75 -8.33
C ILE A 420 20.29 -11.85 -9.13
N GLN A 421 20.77 -13.09 -8.99
CA GLN A 421 20.23 -14.23 -9.74
C GLN A 421 18.73 -14.44 -9.51
N GLU A 422 18.32 -14.46 -8.24
CA GLU A 422 16.91 -14.64 -7.88
C GLU A 422 16.05 -13.43 -8.23
N LYS A 423 16.66 -12.24 -8.25
CA LYS A 423 15.98 -11.02 -8.65
C LYS A 423 15.66 -11.04 -10.15
N LEU A 424 16.62 -11.49 -10.94
CA LEU A 424 16.46 -11.60 -12.40
C LEU A 424 15.29 -12.51 -12.77
N ILE A 425 15.18 -13.65 -12.10
CA ILE A 425 14.07 -14.59 -12.32
C ILE A 425 12.74 -13.97 -11.91
N SER A 426 12.75 -13.24 -10.79
CA SER A 426 11.58 -12.52 -10.30
C SER A 426 11.14 -11.40 -11.23
N VAL A 427 12.08 -10.62 -11.74
CA VAL A 427 11.80 -9.53 -12.68
C VAL A 427 11.41 -10.07 -14.06
N ALA A 428 11.93 -11.23 -14.42
CA ALA A 428 11.57 -11.89 -15.68
C ALA A 428 10.05 -12.13 -15.80
N GLY A 429 9.42 -12.51 -14.68
CA GLY A 429 7.97 -12.66 -14.61
C GLY A 429 7.21 -11.37 -14.82
N LEU A 430 7.84 -10.24 -14.52
CA LEU A 430 7.26 -8.92 -14.78
C LEU A 430 7.51 -8.49 -16.21
N ALA A 431 8.70 -8.80 -16.72
CA ALA A 431 9.16 -8.32 -18.03
C ALA A 431 8.59 -9.07 -19.23
N VAL A 432 8.08 -10.28 -18.99
CA VAL A 432 7.52 -11.12 -20.05
C VAL A 432 6.39 -10.43 -20.85
N HIS A 433 5.64 -9.57 -20.17
CA HIS A 433 4.49 -8.89 -20.78
C HIS A 433 4.87 -7.72 -21.69
N SER A 434 6.14 -7.34 -21.67
CA SER A 434 6.65 -6.28 -22.55
C SER A 434 6.87 -6.77 -23.99
N GLY A 435 6.67 -8.07 -24.21
CA GLY A 435 6.89 -8.69 -25.52
C GLY A 435 8.29 -9.27 -25.64
N PRO A 436 8.49 -10.18 -26.62
CA PRO A 436 9.77 -10.89 -26.80
C PRO A 436 10.96 -9.98 -27.10
N ASP A 437 10.76 -8.97 -27.94
CA ASP A 437 11.84 -8.05 -28.32
C ASP A 437 12.35 -7.21 -27.15
N GLU A 438 11.42 -6.67 -26.35
CA GLU A 438 11.77 -5.84 -25.20
C GLU A 438 12.35 -6.69 -24.06
N TYR A 439 11.80 -7.89 -23.88
CA TYR A 439 12.33 -8.86 -22.92
C TYR A 439 13.80 -9.17 -23.22
N ARG A 440 14.10 -9.41 -24.49
CA ARG A 440 15.45 -9.64 -24.97
C ARG A 440 16.36 -8.46 -24.65
N ARG A 441 15.89 -7.24 -24.93
CA ARG A 441 16.64 -6.00 -24.73
C ARG A 441 16.92 -5.72 -23.24
N LEU A 442 15.95 -6.05 -22.38
CA LEU A 442 16.08 -5.80 -20.94
C LEU A 442 17.13 -6.67 -20.25
N PHE A 443 17.21 -7.94 -20.66
CA PHE A 443 18.11 -8.90 -20.03
C PHE A 443 19.43 -9.11 -20.77
N GLU A 444 19.64 -8.38 -21.87
CA GLU A 444 20.86 -8.52 -22.67
C GLU A 444 22.19 -8.21 -21.94
N PRO A 445 22.19 -7.26 -20.97
CA PRO A 445 23.44 -7.05 -20.22
C PRO A 445 23.81 -8.21 -19.29
N PHE A 446 22.83 -9.04 -18.94
CA PHE A 446 23.03 -10.15 -18.00
C PHE A 446 23.43 -11.46 -18.67
N GLN A 447 23.32 -11.52 -20.00
CA GLN A 447 23.59 -12.76 -20.75
C GLN A 447 25.03 -13.24 -20.65
N GLY A 448 25.19 -14.51 -20.27
CA GLY A 448 26.51 -15.12 -20.10
C GLY A 448 27.05 -15.05 -18.69
N LEU A 449 26.32 -14.37 -17.81
CA LEU A 449 26.74 -14.18 -16.42
C LEU A 449 25.74 -14.82 -15.44
N PHE A 450 24.47 -14.82 -15.83
CA PHE A 450 23.40 -15.39 -15.01
C PHE A 450 22.44 -16.19 -15.90
N GLU A 451 21.64 -17.06 -15.28
CA GLU A 451 20.55 -17.74 -15.99
C GLU A 451 19.40 -16.78 -16.21
N ILE A 452 19.04 -16.57 -17.48
CA ILE A 452 17.84 -15.82 -17.83
C ILE A 452 16.80 -16.81 -18.35
N PRO A 453 15.60 -16.80 -17.75
CA PRO A 453 14.51 -17.65 -18.24
C PRO A 453 14.15 -17.26 -19.68
N SER A 454 13.91 -18.25 -20.53
CA SER A 454 13.49 -17.99 -21.89
C SER A 454 12.13 -17.30 -21.88
N TYR A 455 11.90 -16.43 -22.85
CA TYR A 455 10.61 -15.74 -22.98
C TYR A 455 9.47 -16.75 -23.12
N ARG A 456 9.73 -17.80 -23.90
CA ARG A 456 8.76 -18.86 -24.18
C ARG A 456 8.24 -19.55 -22.93
N SER A 457 9.15 -19.89 -22.02
CA SER A 457 8.80 -20.64 -20.81
C SER A 457 7.91 -19.83 -19.87
N LEU A 458 8.19 -18.52 -19.77
CA LEU A 458 7.40 -17.64 -18.92
C LEU A 458 6.06 -17.28 -19.56
N TYR A 459 6.02 -17.23 -20.89
CA TYR A 459 4.79 -16.96 -21.62
C TYR A 459 3.79 -18.09 -21.45
N LEU A 460 4.26 -19.33 -21.67
CA LEU A 460 3.40 -20.51 -21.50
C LEU A 460 2.92 -20.67 -20.05
N ARG A 461 3.80 -20.37 -19.10
CA ARG A 461 3.44 -20.34 -17.68
C ARG A 461 2.30 -19.35 -17.42
N TRP A 462 2.41 -18.16 -18.00
CA TRP A 462 1.40 -17.11 -17.83
C TRP A 462 0.06 -17.46 -18.45
N VAL A 463 0.10 -18.04 -19.66
CA VAL A 463 -1.13 -18.45 -20.36
C VAL A 463 -1.94 -19.39 -19.48
N ASN A 464 -1.28 -20.40 -18.92
CA ASN A 464 -1.92 -21.32 -17.98
C ASN A 464 -2.40 -20.63 -16.72
N ALA A 465 -1.62 -19.67 -16.23
CA ALA A 465 -1.94 -18.92 -15.02
C ALA A 465 -3.23 -18.10 -15.17
N VAL A 466 -3.33 -17.34 -16.27
CA VAL A 466 -4.50 -16.49 -16.52
C VAL A 466 -5.76 -17.30 -16.87
N CYS A 467 -5.58 -18.33 -17.70
CA CYS A 467 -6.70 -19.20 -18.09
C CYS A 467 -6.19 -20.58 -18.49
N GLY A 468 -6.47 -21.57 -17.63
CA GLY A 468 -6.03 -22.95 -17.85
C GLY A 468 -6.58 -23.61 -19.09
N ASP A 469 -7.81 -23.28 -19.46
CA ASP A 469 -8.45 -23.81 -20.68
C ASP A 469 -7.78 -23.27 -21.93
N ALA A 470 -7.38 -21.99 -21.90
CA ALA A 470 -6.71 -21.34 -23.03
C ALA A 470 -5.40 -22.03 -23.39
N ALA A 471 -4.68 -22.51 -22.38
CA ALA A 471 -3.46 -23.29 -22.58
C ALA A 471 -3.77 -24.66 -23.18
N ALA A 472 -4.87 -25.26 -22.71
CA ALA A 472 -5.33 -26.55 -23.21
C ALA A 472 -5.93 -26.44 -24.62
N LEU A 473 -6.57 -25.31 -24.91
CA LEU A 473 -7.18 -25.04 -26.21
C LEU A 473 -6.13 -24.93 -27.33
N GLU A 474 -4.91 -24.55 -26.96
CA GLU A 474 -3.79 -24.51 -27.90
C GLU A 474 -3.31 -25.91 -28.29
N HIS A 475 -3.76 -26.90 -27.53
CA HIS A 475 -3.43 -28.30 -27.79
C HIS A 475 -4.55 -29.08 -28.48
N HIS A 476 -5.78 -28.59 -28.34
CA HIS A 476 -6.94 -29.19 -29.00
C HIS A 476 -6.83 -29.11 -30.52
MG MG D . -2.39 6.37 -10.75
#